data_2ZNE
#
_entry.id   2ZNE
#
_cell.length_a   47.449
_cell.length_b   88.509
_cell.length_c   211.556
_cell.angle_alpha   90.00
_cell.angle_beta   90.00
_cell.angle_gamma   90.00
#
_symmetry.space_group_name_H-M   'C 2 2 21'
#
loop_
_entity.id
_entity.type
_entity.pdbx_description
1 polymer 'Programmed cell death protein 6'
2 polymer '16-meric peptide from Programmed cell death 6-interacting protein'
3 non-polymer 'ZINC ION'
4 non-polymer 'SODIUM ION'
5 water water
#
loop_
_entity_poly.entity_id
_entity_poly.type
_entity_poly.pdbx_seq_one_letter_code
_entity_poly.pdbx_strand_id
1 'polypeptide(L)'
;ADQSFLWNVFQRVDKDRSGVISDTELQQALSNGTWTPFNPVTVRSIISMFDRENKAGVNFSEFTGVWKYITDWQNVFRTY
DRDNSGMIDKNELKQALSGFGYRLSDQFHDILIRKFDRQGRGQIAFDDFIQGCIVLQRLTDIFRRYDTDQDGWIQVSYEQ
YLSMVFSIV
;
A,B
2 'polypeptide(L)' QGPPYPTYPGYPGYSQ C,D
#
# COMPACT_ATOMS: atom_id res chain seq x y z
N ASP A 2 -11.35 -33.72 14.64
CA ASP A 2 -10.63 -33.74 15.95
C ASP A 2 -10.56 -32.38 16.64
N GLN A 3 -11.75 -31.87 16.90
CA GLN A 3 -11.96 -30.63 17.59
C GLN A 3 -11.45 -30.68 19.02
N SER A 4 -11.34 -31.89 19.55
CA SER A 4 -10.83 -32.09 20.90
C SER A 4 -9.35 -31.75 20.98
N PHE A 5 -8.58 -32.28 20.03
CA PHE A 5 -7.18 -31.88 19.90
C PHE A 5 -7.09 -30.34 19.73
N LEU A 6 -7.79 -29.80 18.74
CA LEU A 6 -7.77 -28.37 18.45
C LEU A 6 -8.09 -27.47 19.64
N TRP A 7 -8.99 -27.94 20.51
CA TRP A 7 -9.37 -27.21 21.71
C TRP A 7 -8.23 -27.12 22.73
N ASN A 8 -7.48 -28.22 22.90
CA ASN A 8 -6.25 -28.24 23.69
C ASN A 8 -5.19 -27.30 23.09
N VAL A 9 -5.07 -27.32 21.75
CA VAL A 9 -4.16 -26.43 21.04
C VAL A 9 -4.58 -24.98 21.31
N PHE A 10 -5.87 -24.69 21.13
CA PHE A 10 -6.39 -23.35 21.31
C PHE A 10 -6.02 -22.79 22.67
N GLN A 11 -6.34 -23.56 23.72
CA GLN A 11 -6.07 -23.20 25.10
C GLN A 11 -4.62 -22.88 25.40
N ARG A 12 -3.72 -23.70 24.87
CA ARG A 12 -2.27 -23.46 24.94
C ARG A 12 -1.86 -22.15 24.22
N VAL A 13 -2.47 -21.89 23.07
CA VAL A 13 -2.14 -20.71 22.25
C VAL A 13 -2.76 -19.43 22.85
N ASP A 14 -3.98 -19.55 23.35
CA ASP A 14 -4.71 -18.47 23.98
C ASP A 14 -4.12 -18.11 25.36
N LYS A 15 -2.93 -17.54 25.36
CA LYS A 15 -2.13 -17.46 26.58
C LYS A 15 -2.80 -16.71 27.72
N ASP A 16 -3.40 -15.56 27.43
CA ASP A 16 -4.07 -14.78 28.46
C ASP A 16 -5.47 -15.31 28.84
N ARG A 17 -5.84 -16.47 28.27
CA ARG A 17 -7.14 -17.11 28.49
C ARG A 17 -8.33 -16.22 28.18
N SER A 18 -8.20 -15.37 27.15
CA SER A 18 -9.27 -14.44 26.77
C SER A 18 -10.43 -15.09 26.02
N GLY A 19 -10.21 -16.28 25.47
CA GLY A 19 -11.24 -16.98 24.67
C GLY A 19 -11.13 -16.66 23.18
N VAL A 20 -10.21 -15.75 22.87
CA VAL A 20 -9.90 -15.29 21.52
C VAL A 20 -8.38 -15.33 21.37
N ILE A 21 -7.90 -15.82 20.22
CA ILE A 21 -6.47 -15.77 19.89
C ILE A 21 -6.11 -14.48 19.12
N SER A 22 -5.22 -13.69 19.71
CA SER A 22 -4.78 -12.44 19.14
C SER A 22 -3.66 -12.69 18.13
N ASP A 23 -3.17 -11.62 17.50
CA ASP A 23 -2.10 -11.74 16.51
C ASP A 23 -0.79 -12.14 17.16
N THR A 24 -0.55 -11.59 18.35
CA THR A 24 0.72 -11.85 19.01
C THR A 24 0.76 -13.25 19.67
N GLU A 25 -0.41 -13.72 20.09
CA GLU A 25 -0.54 -15.11 20.51
C GLU A 25 -0.36 -16.11 19.33
N LEU A 26 -0.96 -15.82 18.17
CA LEU A 26 -0.83 -16.76 17.04
C LEU A 26 0.60 -16.88 16.54
N GLN A 27 1.29 -15.74 16.55
CA GLN A 27 2.66 -15.67 16.06
C GLN A 27 3.62 -16.54 16.86
N GLN A 28 3.46 -16.53 18.18
CA GLN A 28 4.30 -17.35 19.06
C GLN A 28 4.09 -18.85 18.76
N ALA A 29 2.86 -19.22 18.45
CA ALA A 29 2.50 -20.58 18.09
C ALA A 29 3.00 -21.06 16.70
N LEU A 30 3.46 -20.14 15.84
CA LEU A 30 3.79 -20.54 14.47
C LEU A 30 5.28 -20.62 14.25
N SER A 31 5.74 -21.60 13.50
CA SER A 31 7.16 -21.65 13.08
C SER A 31 7.34 -21.47 11.56
N ASN A 32 8.31 -20.63 11.18
CA ASN A 32 8.72 -20.50 9.77
C ASN A 32 9.96 -21.35 9.39
N GLY A 33 10.39 -22.19 10.35
CA GLY A 33 11.46 -23.15 10.11
C GLY A 33 12.82 -22.62 10.53
N THR A 34 12.86 -21.34 10.89
CA THR A 34 14.09 -20.65 11.22
C THR A 34 13.92 -20.15 12.65
N TRP A 35 14.83 -19.28 13.08
CA TRP A 35 14.84 -18.73 14.44
C TRP A 35 14.35 -17.29 14.50
N THR A 36 13.71 -16.86 13.41
CA THR A 36 13.06 -15.54 13.34
C THR A 36 11.57 -15.74 13.57
N PRO A 37 10.93 -14.75 14.23
CA PRO A 37 9.49 -14.79 14.45
C PRO A 37 8.72 -14.84 13.12
N PHE A 38 7.64 -15.61 13.10
CA PHE A 38 6.80 -15.76 11.93
C PHE A 38 6.39 -14.35 11.48
N ASN A 39 6.53 -14.07 10.19
CA ASN A 39 6.18 -12.76 9.60
C ASN A 39 4.89 -12.17 10.20
N PRO A 40 4.99 -11.05 10.96
CA PRO A 40 3.78 -10.48 11.59
C PRO A 40 2.71 -9.99 10.62
N VAL A 41 3.12 -9.58 9.42
CA VAL A 41 2.16 -9.22 8.38
C VAL A 41 1.39 -10.45 7.92
N THR A 42 2.08 -11.57 7.69
CA THR A 42 1.45 -12.83 7.34
C THR A 42 0.45 -13.28 8.43
N VAL A 43 0.87 -13.13 9.69
CA VAL A 43 0.04 -13.43 10.87
C VAL A 43 -1.27 -12.63 10.84
N ARG A 44 -1.16 -11.31 10.65
CA ARG A 44 -2.33 -10.43 10.61
C ARG A 44 -3.29 -10.70 9.45
N SER A 45 -2.74 -11.06 8.29
CA SER A 45 -3.56 -11.49 7.14
C SER A 45 -4.33 -12.79 7.43
N ILE A 46 -3.66 -13.77 8.03
CA ILE A 46 -4.34 -15.03 8.43
C ILE A 46 -5.46 -14.72 9.43
N ILE A 47 -5.18 -13.89 10.45
CA ILE A 47 -6.26 -13.48 11.38
C ILE A 47 -7.44 -12.81 10.65
N SER A 48 -7.16 -11.83 9.76
CA SER A 48 -8.19 -11.16 8.94
C SER A 48 -9.04 -12.09 8.08
N MET A 49 -8.38 -13.03 7.42
CA MET A 49 -9.04 -14.02 6.59
C MET A 49 -10.05 -14.88 7.33
N PHE A 50 -9.82 -15.14 8.62
CA PHE A 50 -10.68 -16.06 9.37
C PHE A 50 -11.52 -15.40 10.48
N ASP A 51 -11.15 -14.22 10.92
CA ASP A 51 -11.97 -13.50 11.89
C ASP A 51 -13.25 -13.02 11.18
N ARG A 52 -14.41 -13.35 11.74
CA ARG A 52 -15.70 -13.02 11.12
C ARG A 52 -16.45 -11.96 11.92
N GLU A 53 -15.83 -11.53 13.00
CA GLU A 53 -16.49 -10.71 14.00
C GLU A 53 -15.76 -9.38 14.12
N ASN A 54 -14.73 -9.20 13.27
CA ASN A 54 -13.90 -8.00 13.25
C ASN A 54 -13.36 -7.58 14.62
N LYS A 55 -12.74 -8.54 15.30
CA LYS A 55 -12.24 -8.36 16.66
C LYS A 55 -10.74 -8.42 16.78
N ALA A 56 -10.03 -8.43 15.64
CA ALA A 56 -8.57 -8.64 15.62
C ALA A 56 -8.13 -9.95 16.30
N GLY A 57 -8.90 -11.01 16.08
CA GLY A 57 -8.56 -12.27 16.71
C GLY A 57 -9.43 -13.38 16.22
N VAL A 58 -9.06 -14.61 16.57
CA VAL A 58 -9.93 -15.74 16.25
C VAL A 58 -10.44 -16.45 17.51
N ASN A 59 -11.72 -16.78 17.53
CA ASN A 59 -12.25 -17.67 18.56
C ASN A 59 -12.00 -19.11 18.16
N PHE A 60 -12.54 -20.07 18.92
CA PHE A 60 -12.21 -21.47 18.69
C PHE A 60 -12.66 -21.95 17.32
N SER A 61 -13.88 -21.59 16.96
CA SER A 61 -14.44 -22.10 15.73
C SER A 61 -13.60 -21.63 14.52
N GLU A 62 -13.19 -20.37 14.58
CA GLU A 62 -12.45 -19.70 13.53
C GLU A 62 -11.00 -20.23 13.53
N PHE A 63 -10.44 -20.48 14.71
CA PHE A 63 -9.14 -21.15 14.82
C PHE A 63 -9.14 -22.50 14.10
N THR A 64 -10.28 -23.21 14.08
CA THR A 64 -10.27 -24.50 13.38
C THR A 64 -9.99 -24.28 11.87
N GLY A 65 -10.54 -23.19 11.31
CA GLY A 65 -10.21 -22.74 9.93
C GLY A 65 -8.72 -22.41 9.83
N VAL A 66 -8.21 -21.65 10.80
CA VAL A 66 -6.80 -21.30 10.85
C VAL A 66 -5.88 -22.51 10.85
N TRP A 67 -6.11 -23.44 11.77
CA TRP A 67 -5.31 -24.65 11.87
C TRP A 67 -5.28 -25.43 10.53
N LYS A 68 -6.44 -25.59 9.90
CA LYS A 68 -6.56 -26.28 8.62
C LYS A 68 -5.79 -25.58 7.50
N TYR A 69 -5.87 -24.25 7.49
CA TYR A 69 -5.20 -23.42 6.51
C TYR A 69 -3.71 -23.48 6.65
N ILE A 70 -3.19 -23.30 7.86
CA ILE A 70 -1.75 -23.43 8.06
C ILE A 70 -1.26 -24.83 7.67
N THR A 71 -1.97 -25.86 8.15
CA THR A 71 -1.65 -27.24 7.84
C THR A 71 -1.68 -27.50 6.34
N ASP A 72 -2.71 -27.03 5.64
CA ASP A 72 -2.74 -27.16 4.17
C ASP A 72 -1.54 -26.49 3.51
N TRP A 73 -1.13 -25.32 3.98
CA TRP A 73 0.09 -24.67 3.46
C TRP A 73 1.42 -25.39 3.80
N GLN A 74 1.56 -25.97 4.99
CA GLN A 74 2.78 -26.73 5.34
C GLN A 74 2.92 -27.90 4.36
N ASN A 75 1.80 -28.55 4.06
CA ASN A 75 1.78 -29.65 3.11
C ASN A 75 2.17 -29.23 1.68
N VAL A 76 1.60 -28.15 1.18
CA VAL A 76 2.06 -27.55 -0.08
C VAL A 76 3.54 -27.09 -0.06
N PHE A 77 3.95 -26.43 1.01
CA PHE A 77 5.32 -25.97 1.10
C PHE A 77 6.31 -27.14 1.01
N ARG A 78 5.94 -28.27 1.66
CA ARG A 78 6.74 -29.51 1.59
C ARG A 78 6.62 -30.19 0.23
N THR A 79 5.42 -30.33 -0.30
CA THR A 79 5.21 -30.87 -1.66
C THR A 79 6.17 -30.25 -2.69
N TYR A 80 6.36 -28.92 -2.61
CA TYR A 80 7.19 -28.19 -3.57
C TYR A 80 8.63 -27.94 -3.16
N ASP A 81 8.93 -28.03 -1.87
CA ASP A 81 10.33 -28.05 -1.46
C ASP A 81 10.85 -29.49 -1.62
N ARG A 82 11.18 -29.84 -2.85
CA ARG A 82 11.49 -31.23 -3.24
C ARG A 82 12.91 -31.62 -2.85
N ASP A 83 13.76 -30.63 -2.60
CA ASP A 83 15.14 -30.87 -2.21
C ASP A 83 15.37 -30.69 -0.72
N ASN A 84 14.29 -30.61 0.04
CA ASN A 84 14.36 -30.56 1.51
C ASN A 84 15.42 -29.60 2.08
N SER A 85 15.46 -28.37 1.56
CA SER A 85 16.22 -27.28 2.19
C SER A 85 15.53 -26.67 3.41
N GLY A 86 14.20 -26.81 3.48
CA GLY A 86 13.41 -26.02 4.41
C GLY A 86 13.33 -24.55 3.99
N MET A 87 13.52 -24.30 2.68
CA MET A 87 13.24 -23.02 2.02
C MET A 87 12.77 -23.37 0.63
N ILE A 88 11.93 -22.54 0.03
CA ILE A 88 11.57 -22.77 -1.37
C ILE A 88 12.47 -21.94 -2.31
N ASP A 89 13.00 -22.58 -3.37
CA ASP A 89 13.91 -21.91 -4.34
C ASP A 89 13.18 -21.43 -5.60
N LYS A 90 13.84 -20.55 -6.35
CA LYS A 90 13.33 -20.02 -7.62
C LYS A 90 12.65 -21.08 -8.49
N ASN A 91 13.35 -22.20 -8.74
CA ASN A 91 12.79 -23.31 -9.53
C ASN A 91 11.58 -23.94 -8.83
N GLU A 92 11.67 -24.04 -7.51
CA GLU A 92 10.59 -24.63 -6.72
C GLU A 92 9.36 -23.73 -6.71
N LEU A 93 9.58 -22.42 -6.53
CA LEU A 93 8.53 -21.40 -6.69
C LEU A 93 7.83 -21.49 -8.06
N LYS A 94 8.63 -21.66 -9.14
CA LYS A 94 8.08 -21.80 -10.48
C LYS A 94 7.18 -23.03 -10.57
N GLN A 95 7.63 -24.16 -10.02
CA GLN A 95 6.81 -25.37 -9.97
C GLN A 95 5.55 -25.17 -9.14
N ALA A 96 5.69 -24.48 -8.02
CA ALA A 96 4.57 -24.21 -7.10
C ALA A 96 3.47 -23.39 -7.74
N LEU A 97 3.83 -22.19 -8.17
CA LEU A 97 2.87 -21.25 -8.77
C LEU A 97 2.22 -21.83 -10.00
N SER A 98 3.03 -22.49 -10.82
CA SER A 98 2.54 -23.22 -11.98
C SER A 98 1.56 -24.31 -11.55
N GLY A 99 1.96 -25.12 -10.57
CA GLY A 99 1.06 -26.10 -9.98
C GLY A 99 -0.24 -25.48 -9.49
N PHE A 100 -0.19 -24.23 -8.99
CA PHE A 100 -1.38 -23.52 -8.48
C PHE A 100 -2.29 -23.07 -9.62
N GLY A 101 -1.72 -23.01 -10.82
CA GLY A 101 -2.47 -22.56 -11.99
C GLY A 101 -2.20 -21.12 -12.40
N TYR A 102 -1.07 -20.56 -11.98
CA TYR A 102 -0.65 -19.24 -12.47
C TYR A 102 0.29 -19.50 -13.65
N ARG A 103 0.15 -18.72 -14.72
CA ARG A 103 1.09 -18.75 -15.86
C ARG A 103 1.88 -17.46 -15.81
N LEU A 104 3.15 -17.53 -15.48
CA LEU A 104 3.93 -16.33 -15.26
C LEU A 104 5.34 -16.47 -15.83
N SER A 105 5.86 -15.38 -16.40
CA SER A 105 7.17 -15.41 -17.03
C SER A 105 8.25 -15.77 -16.03
N ASP A 106 9.40 -16.19 -16.53
CA ASP A 106 10.50 -16.58 -15.66
C ASP A 106 11.08 -15.43 -14.83
N GLN A 107 11.21 -14.24 -15.44
CA GLN A 107 11.75 -13.06 -14.76
C GLN A 107 10.82 -12.48 -13.69
N PHE A 108 9.51 -12.72 -13.85
CA PHE A 108 8.53 -12.32 -12.85
C PHE A 108 8.74 -13.06 -11.54
N HIS A 109 9.09 -14.33 -11.63
CA HIS A 109 9.41 -15.13 -10.45
C HIS A 109 10.56 -14.50 -9.66
N ASP A 110 11.47 -13.83 -10.38
CA ASP A 110 12.54 -13.09 -9.71
C ASP A 110 12.01 -11.88 -8.92
N ILE A 111 11.04 -11.16 -9.50
CA ILE A 111 10.41 -10.03 -8.80
C ILE A 111 9.67 -10.51 -7.55
N LEU A 112 9.07 -11.69 -7.62
CA LEU A 112 8.34 -12.26 -6.49
C LEU A 112 9.28 -12.58 -5.35
N ILE A 113 10.43 -13.20 -5.67
CA ILE A 113 11.42 -13.55 -4.67
C ILE A 113 11.92 -12.28 -4.00
N ARG A 114 12.34 -11.32 -4.83
CA ARG A 114 12.84 -10.05 -4.31
C ARG A 114 11.82 -9.38 -3.40
N LYS A 115 10.54 -9.41 -3.79
CA LYS A 115 9.51 -8.76 -2.97
C LYS A 115 9.23 -9.48 -1.64
N PHE A 116 9.34 -10.81 -1.61
CA PHE A 116 8.85 -11.55 -0.43
C PHE A 116 9.86 -12.25 0.47
N ASP A 117 11.05 -12.51 -0.06
CA ASP A 117 12.11 -13.15 0.71
C ASP A 117 12.72 -12.21 1.78
N ARG A 118 12.28 -12.33 3.02
CA ARG A 118 12.80 -11.47 4.09
C ARG A 118 14.15 -11.95 4.61
N GLN A 119 14.50 -13.19 4.27
CA GLN A 119 15.77 -13.80 4.70
C GLN A 119 16.99 -13.29 3.89
N GLY A 120 16.83 -13.11 2.59
CA GLY A 120 17.93 -12.59 1.76
C GLY A 120 18.97 -13.66 1.41
N ARG A 121 18.54 -14.65 0.63
CA ARG A 121 19.39 -15.72 0.14
C ARG A 121 18.80 -16.25 -1.15
N GLY A 122 17.75 -15.56 -1.63
CA GLY A 122 17.06 -15.93 -2.87
C GLY A 122 16.28 -17.22 -2.74
N GLN A 123 15.90 -17.54 -1.49
CA GLN A 123 15.08 -18.71 -1.13
C GLN A 123 13.92 -18.18 -0.27
N ILE A 124 12.72 -18.71 -0.42
CA ILE A 124 11.56 -18.26 0.37
C ILE A 124 11.20 -19.17 1.56
N ALA A 125 11.23 -18.64 2.80
CA ALA A 125 10.79 -19.35 4.02
C ALA A 125 9.27 -19.57 4.04
N PHE A 126 8.81 -20.47 4.89
CA PHE A 126 7.39 -20.82 4.97
C PHE A 126 6.48 -19.61 5.17
N ASP A 127 6.84 -18.72 6.08
CA ASP A 127 5.98 -17.56 6.37
C ASP A 127 5.92 -16.57 5.20
N ASP A 128 7.05 -16.34 4.54
CA ASP A 128 7.10 -15.45 3.37
C ASP A 128 6.40 -16.03 2.15
N PHE A 129 6.36 -17.34 2.06
CA PHE A 129 5.68 -18.03 0.96
C PHE A 129 4.16 -17.90 1.03
N ILE A 130 3.59 -18.12 2.21
CA ILE A 130 2.18 -17.82 2.46
C ILE A 130 1.87 -16.34 2.11
N GLN A 131 2.65 -15.43 2.66
CA GLN A 131 2.49 -13.98 2.39
C GLN A 131 2.40 -13.63 0.88
N GLY A 132 3.43 -13.99 0.12
CA GLY A 132 3.43 -13.72 -1.32
C GLY A 132 2.24 -14.35 -2.04
N CYS A 133 1.83 -15.55 -1.60
CA CYS A 133 0.67 -16.21 -2.20
C CYS A 133 -0.63 -15.48 -1.85
N ILE A 134 -0.73 -14.95 -0.64
CA ILE A 134 -1.90 -14.16 -0.27
C ILE A 134 -1.96 -12.83 -1.09
N VAL A 135 -0.83 -12.15 -1.21
CA VAL A 135 -0.82 -10.93 -2.04
C VAL A 135 -1.26 -11.29 -3.48
N LEU A 136 -0.65 -12.32 -4.09
CA LEU A 136 -1.07 -12.73 -5.43
C LEU A 136 -2.55 -12.94 -5.48
N GLN A 137 -3.08 -13.66 -4.51
CA GLN A 137 -4.49 -13.95 -4.44
C GLN A 137 -5.35 -12.68 -4.43
N ARG A 138 -4.99 -11.76 -3.54
CA ARG A 138 -5.63 -10.43 -3.41
C ARG A 138 -5.57 -9.67 -4.72
N LEU A 139 -4.40 -9.62 -5.34
CA LEU A 139 -4.21 -8.82 -6.54
C LEU A 139 -5.01 -9.40 -7.69
N THR A 140 -5.03 -10.73 -7.76
CA THR A 140 -5.79 -11.42 -8.80
C THR A 140 -7.29 -11.18 -8.67
N ASP A 141 -7.81 -11.17 -7.44
CA ASP A 141 -9.23 -10.85 -7.17
C ASP A 141 -9.55 -9.46 -7.72
N ILE A 142 -8.63 -8.51 -7.54
CA ILE A 142 -8.79 -7.16 -8.07
C ILE A 142 -8.89 -7.22 -9.59
N PHE A 143 -7.98 -7.99 -10.21
CA PHE A 143 -7.89 -8.11 -11.65
C PHE A 143 -9.15 -8.75 -12.24
N ARG A 144 -9.56 -9.88 -11.68
CA ARG A 144 -10.62 -10.70 -12.28
C ARG A 144 -12.02 -10.05 -12.21
N ARG A 145 -12.15 -9.02 -11.39
CA ARG A 145 -13.31 -8.13 -11.42
C ARG A 145 -13.42 -7.34 -12.75
N TYR A 146 -12.33 -7.28 -13.52
CA TYR A 146 -12.36 -6.54 -14.77
C TYR A 146 -12.13 -7.43 -15.97
N ASP A 147 -11.55 -8.60 -15.74
CA ASP A 147 -11.26 -9.55 -16.81
C ASP A 147 -12.52 -10.37 -17.01
N THR A 148 -13.41 -9.78 -17.83
CA THR A 148 -14.80 -10.19 -18.00
C THR A 148 -14.93 -11.52 -18.77
N ASP A 149 -14.11 -11.68 -19.81
CA ASP A 149 -14.18 -12.87 -20.62
C ASP A 149 -13.09 -13.82 -20.17
N GLN A 150 -12.52 -13.53 -18.97
CA GLN A 150 -11.39 -14.27 -18.37
C GLN A 150 -10.34 -14.75 -19.33
N ASP A 151 -9.67 -13.81 -19.98
CA ASP A 151 -8.57 -14.13 -20.86
C ASP A 151 -7.27 -13.47 -20.41
N GLY A 152 -7.27 -12.86 -19.22
CA GLY A 152 -6.05 -12.28 -18.66
C GLY A 152 -5.64 -10.95 -19.28
N TRP A 153 -6.62 -10.22 -19.81
CA TRP A 153 -6.43 -8.85 -20.31
C TRP A 153 -7.54 -8.04 -19.76
N ILE A 154 -7.25 -6.82 -19.36
CA ILE A 154 -8.33 -5.95 -18.95
C ILE A 154 -8.20 -4.63 -19.67
N GLN A 155 -9.33 -3.99 -19.87
CA GLN A 155 -9.30 -2.64 -20.32
C GLN A 155 -10.03 -1.83 -19.27
N VAL A 156 -9.34 -0.84 -18.71
CA VAL A 156 -9.88 -0.06 -17.60
C VAL A 156 -9.72 1.43 -17.82
N SER A 157 -10.67 2.20 -17.36
CA SER A 157 -10.53 3.63 -17.36
C SER A 157 -9.54 4.05 -16.25
N TYR A 158 -9.14 5.31 -16.32
CA TYR A 158 -8.31 5.95 -15.30
C TYR A 158 -8.92 5.83 -13.89
N GLU A 159 -10.21 6.18 -13.78
CA GLU A 159 -10.86 6.10 -12.48
C GLU A 159 -10.97 4.65 -11.96
N GLN A 160 -11.19 3.68 -12.86
CA GLN A 160 -11.23 2.27 -12.46
C GLN A 160 -9.87 1.79 -11.94
N TYR A 161 -8.81 2.17 -12.64
CA TYR A 161 -7.45 1.93 -12.20
C TYR A 161 -7.15 2.50 -10.76
N LEU A 162 -7.51 3.76 -10.56
CA LEU A 162 -7.20 4.43 -9.29
C LEU A 162 -7.87 3.70 -8.13
N SER A 163 -9.10 3.22 -8.33
CA SER A 163 -9.82 2.58 -7.24
C SER A 163 -9.32 1.15 -7.05
N MET A 164 -8.88 0.53 -8.14
CA MET A 164 -8.12 -0.70 -8.04
C MET A 164 -6.97 -0.46 -7.07
N VAL A 165 -6.08 0.49 -7.37
CA VAL A 165 -4.91 0.70 -6.52
C VAL A 165 -5.26 1.22 -5.12
N PHE A 166 -6.29 2.05 -5.00
CA PHE A 166 -6.68 2.54 -3.67
C PHE A 166 -7.14 1.40 -2.75
N SER A 167 -7.65 0.31 -3.34
CA SER A 167 -8.02 -0.88 -2.57
C SER A 167 -6.89 -1.94 -2.41
N ILE A 168 -5.71 -1.66 -2.96
CA ILE A 168 -4.51 -2.42 -2.63
C ILE A 168 -3.75 -1.61 -1.57
N VAL A 169 -3.23 -0.46 -2.00
CA VAL A 169 -2.47 0.48 -1.19
C VAL A 169 -3.36 1.65 -0.78
N GLN B 3 16.01 36.62 -1.88
CA GLN B 3 16.43 35.21 -1.55
C GLN B 3 17.25 35.16 -0.25
N SER B 4 17.07 36.15 0.62
CA SER B 4 17.66 36.15 1.96
C SER B 4 16.60 36.03 3.03
N PHE B 5 15.35 36.26 2.63
CA PHE B 5 14.18 35.88 3.43
C PHE B 5 14.17 34.36 3.59
N LEU B 6 14.57 33.63 2.54
CA LEU B 6 14.66 32.16 2.59
C LEU B 6 15.76 31.68 3.56
N TRP B 7 16.95 32.26 3.45
CA TRP B 7 18.06 31.97 4.37
C TRP B 7 17.70 32.35 5.81
N ASN B 8 16.86 33.38 5.92
CA ASN B 8 16.24 33.73 7.20
C ASN B 8 15.43 32.54 7.73
N VAL B 9 14.35 32.17 7.02
CA VAL B 9 13.52 30.98 7.31
C VAL B 9 14.32 29.71 7.61
N PHE B 10 15.32 29.40 6.79
CA PHE B 10 16.16 28.19 6.95
C PHE B 10 16.74 28.00 8.37
N GLN B 11 17.22 29.07 8.98
CA GLN B 11 17.91 28.94 10.27
C GLN B 11 16.93 28.84 11.46
N ARG B 12 15.72 29.37 11.30
CA ARG B 12 14.68 29.14 12.30
C ARG B 12 14.06 27.75 12.16
N VAL B 13 14.27 27.09 11.03
CA VAL B 13 13.70 25.77 10.83
C VAL B 13 14.71 24.75 11.29
N ASP B 14 15.96 24.98 10.91
CA ASP B 14 17.09 24.12 11.28
C ASP B 14 17.42 24.37 12.76
N LYS B 15 16.54 23.91 13.63
CA LYS B 15 16.67 24.06 15.08
C LYS B 15 18.03 23.62 15.62
N ASP B 16 18.50 22.48 15.13
CA ASP B 16 19.69 21.83 15.67
C ASP B 16 20.97 22.34 15.01
N ARG B 17 20.83 23.29 14.08
CA ARG B 17 21.96 23.96 13.38
C ARG B 17 22.99 23.04 12.70
N SER B 18 22.59 21.80 12.42
CA SER B 18 23.39 20.84 11.64
C SER B 18 23.72 21.34 10.22
N GLY B 19 22.92 22.28 9.72
CA GLY B 19 23.00 22.68 8.31
C GLY B 19 22.15 21.79 7.41
N VAL B 20 21.41 20.87 8.02
CA VAL B 20 20.45 20.04 7.28
C VAL B 20 19.16 20.04 8.08
N ILE B 21 18.05 20.38 7.44
CA ILE B 21 16.74 20.32 8.10
C ILE B 21 16.19 18.90 7.98
N SER B 22 15.95 18.25 9.10
CA SER B 22 15.44 16.89 9.08
C SER B 22 13.91 16.88 8.84
N ASP B 23 13.37 15.68 8.60
CA ASP B 23 11.92 15.48 8.53
C ASP B 23 11.21 16.08 9.73
N THR B 24 11.71 15.74 10.93
CA THR B 24 11.09 16.20 12.18
C THR B 24 11.16 17.73 12.33
N GLU B 25 12.29 18.34 11.94
CA GLU B 25 12.42 19.82 11.93
C GLU B 25 11.45 20.51 10.95
N LEU B 26 11.29 19.93 9.76
CA LEU B 26 10.33 20.46 8.77
C LEU B 26 8.92 20.37 9.30
N GLN B 27 8.57 19.22 9.87
CA GLN B 27 7.27 19.00 10.46
C GLN B 27 6.88 19.98 11.56
N GLN B 28 7.85 20.27 12.44
CA GLN B 28 7.62 21.14 13.58
C GLN B 28 7.37 22.57 13.13
N ALA B 29 7.91 22.90 11.95
CA ALA B 29 7.79 24.22 11.35
C ALA B 29 6.52 24.37 10.47
N LEU B 30 5.79 23.28 10.27
CA LEU B 30 4.59 23.35 9.42
C LEU B 30 3.29 23.24 10.18
N SER B 31 2.34 24.09 9.81
CA SER B 31 1.00 24.07 10.38
C SER B 31 0.01 23.52 9.36
N ASN B 32 -0.87 22.63 9.81
CA ASN B 32 -1.94 22.09 8.99
C ASN B 32 -3.32 22.67 9.36
N GLY B 33 -3.32 23.71 10.19
CA GLY B 33 -4.56 24.34 10.68
C GLY B 33 -5.42 23.53 11.64
N THR B 34 -4.94 22.34 12.05
CA THR B 34 -5.76 21.44 12.88
C THR B 34 -5.19 21.10 14.27
N TRP B 35 -4.11 21.76 14.69
CA TRP B 35 -3.53 21.49 16.03
C TRP B 35 -3.03 20.05 16.23
N THR B 36 -2.99 19.27 15.16
CA THR B 36 -2.29 17.99 15.13
C THR B 36 -0.98 18.25 14.37
N PRO B 37 0.06 17.48 14.66
CA PRO B 37 1.28 17.60 13.84
C PRO B 37 1.03 17.37 12.32
N PHE B 38 1.77 18.09 11.47
CA PHE B 38 1.72 17.92 10.01
C PHE B 38 2.00 16.47 9.63
N ASN B 39 1.10 15.85 8.88
CA ASN B 39 1.31 14.51 8.38
C ASN B 39 2.82 14.21 8.13
N PRO B 40 3.42 13.27 8.90
CA PRO B 40 4.84 13.02 8.72
C PRO B 40 5.12 12.29 7.41
N VAL B 41 4.10 11.63 6.86
CA VAL B 41 4.24 11.00 5.55
C VAL B 41 4.41 12.08 4.47
N THR B 42 3.60 13.13 4.54
CA THR B 42 3.69 14.29 3.64
C THR B 42 5.06 14.96 3.75
N VAL B 43 5.51 15.18 4.98
CA VAL B 43 6.86 15.73 5.22
C VAL B 43 7.96 14.90 4.52
N ARG B 44 7.90 13.58 4.70
CA ARG B 44 8.79 12.60 4.06
C ARG B 44 8.81 12.69 2.53
N SER B 45 7.63 12.78 1.92
CA SER B 45 7.50 12.97 0.44
C SER B 45 8.08 14.27 -0.03
N ILE B 46 7.80 15.37 0.69
CA ILE B 46 8.38 16.67 0.32
C ILE B 46 9.91 16.63 0.50
N ILE B 47 10.41 16.10 1.60
CA ILE B 47 11.86 15.97 1.75
C ILE B 47 12.49 15.16 0.59
N SER B 48 11.96 13.97 0.34
CA SER B 48 12.54 13.12 -0.72
C SER B 48 12.46 13.69 -2.14
N MET B 49 11.49 14.57 -2.41
CA MET B 49 11.45 15.26 -3.70
C MET B 49 12.62 16.20 -3.89
N PHE B 50 13.13 16.77 -2.81
CA PHE B 50 14.14 17.84 -2.90
C PHE B 50 15.53 17.44 -2.38
N ASP B 51 15.60 16.44 -1.51
CA ASP B 51 16.89 15.98 -1.04
C ASP B 51 17.59 15.23 -2.18
N ARG B 52 18.71 15.78 -2.62
CA ARG B 52 19.40 15.30 -3.80
C ARG B 52 20.55 14.39 -3.44
N GLU B 53 20.53 13.83 -2.23
CA GLU B 53 21.67 13.06 -1.73
C GLU B 53 21.38 12.04 -0.62
N ASN B 54 20.10 11.72 -0.44
CA ASN B 54 19.65 10.62 0.41
C ASN B 54 20.20 10.68 1.84
N LYS B 55 20.08 11.86 2.44
CA LYS B 55 20.57 12.12 3.79
C LYS B 55 19.38 12.30 4.73
N ALA B 56 18.18 12.00 4.23
CA ALA B 56 16.92 12.08 4.98
C ALA B 56 16.54 13.51 5.44
N GLY B 57 16.91 14.50 4.64
CA GLY B 57 16.79 15.90 5.06
C GLY B 57 17.24 16.83 3.94
N VAL B 58 17.09 18.15 4.12
CA VAL B 58 17.50 19.11 3.08
C VAL B 58 18.48 20.21 3.58
N ASN B 59 19.55 20.46 2.80
CA ASN B 59 20.43 21.60 3.01
C ASN B 59 19.80 22.90 2.55
N PHE B 60 20.55 23.99 2.65
CA PHE B 60 19.97 25.29 2.38
C PHE B 60 19.47 25.48 0.94
N SER B 61 20.28 25.06 -0.03
CA SER B 61 19.89 25.15 -1.45
C SER B 61 18.69 24.29 -1.82
N GLU B 62 18.60 23.10 -1.24
CA GLU B 62 17.44 22.25 -1.47
C GLU B 62 16.21 22.85 -0.76
N PHE B 63 16.43 23.54 0.36
CA PHE B 63 15.32 24.14 1.08
C PHE B 63 14.60 25.26 0.31
N THR B 64 15.32 25.94 -0.58
CA THR B 64 14.70 27.06 -1.32
C THR B 64 13.54 26.53 -2.19
N GLY B 65 13.81 25.43 -2.89
CA GLY B 65 12.78 24.63 -3.56
C GLY B 65 11.66 24.19 -2.64
N VAL B 66 12.01 23.52 -1.55
CA VAL B 66 11.03 23.08 -0.55
C VAL B 66 10.09 24.21 -0.11
N TRP B 67 10.64 25.37 0.22
CA TRP B 67 9.81 26.46 0.69
C TRP B 67 8.85 27.07 -0.36
N LYS B 68 9.32 27.17 -1.60
CA LYS B 68 8.50 27.61 -2.74
C LYS B 68 7.38 26.61 -2.96
N TYR B 69 7.75 25.34 -2.96
CA TYR B 69 6.78 24.28 -3.12
C TYR B 69 5.66 24.33 -2.09
N ILE B 70 6.02 24.41 -0.80
CA ILE B 70 5.03 24.49 0.28
C ILE B 70 4.25 25.81 0.24
N THR B 71 4.95 26.90 -0.06
CA THR B 71 4.29 28.23 -0.25
C THR B 71 3.26 28.18 -1.40
N ASP B 72 3.63 27.58 -2.53
CA ASP B 72 2.68 27.40 -3.62
C ASP B 72 1.47 26.57 -3.20
N TRP B 73 1.67 25.46 -2.49
CA TRP B 73 0.55 24.63 -2.06
C TRP B 73 -0.39 25.35 -1.09
N GLN B 74 0.21 26.18 -0.23
CA GLN B 74 -0.60 26.92 0.73
C GLN B 74 -1.52 27.90 0.04
N ASN B 75 -0.98 28.58 -0.97
CA ASN B 75 -1.73 29.57 -1.75
C ASN B 75 -2.83 28.89 -2.54
N VAL B 76 -2.54 27.72 -3.11
CA VAL B 76 -3.55 26.91 -3.80
C VAL B 76 -4.67 26.52 -2.82
N PHE B 77 -4.29 26.04 -1.63
CA PHE B 77 -5.25 25.56 -0.62
C PHE B 77 -6.17 26.71 -0.17
N ARG B 78 -5.58 27.87 0.07
CA ARG B 78 -6.34 29.08 0.39
C ARG B 78 -7.24 29.54 -0.75
N THR B 79 -6.74 29.43 -1.98
CA THR B 79 -7.55 29.77 -3.17
C THR B 79 -8.83 28.93 -3.20
N TYR B 80 -8.70 27.61 -3.10
CA TYR B 80 -9.87 26.73 -3.18
C TYR B 80 -10.68 26.60 -1.90
N ASP B 81 -10.08 26.95 -0.75
CA ASP B 81 -10.85 27.09 0.50
C ASP B 81 -11.66 28.38 0.47
N ARG B 82 -12.63 28.42 -0.44
CA ARG B 82 -13.44 29.61 -0.67
C ARG B 82 -14.31 30.04 0.50
N ASP B 83 -14.71 29.09 1.36
CA ASP B 83 -15.58 29.44 2.50
C ASP B 83 -14.79 29.87 3.75
N ASN B 84 -13.45 29.80 3.66
CA ASN B 84 -12.53 30.20 4.72
C ASN B 84 -12.65 29.43 6.04
N SER B 85 -12.93 28.14 5.91
CA SER B 85 -13.14 27.27 7.04
C SER B 85 -11.81 26.67 7.52
N GLY B 86 -10.74 26.89 6.74
CA GLY B 86 -9.44 26.26 7.00
C GLY B 86 -9.37 24.81 6.58
N MET B 87 -10.49 24.28 6.06
CA MET B 87 -10.58 22.94 5.49
C MET B 87 -11.08 23.03 4.05
N ILE B 88 -10.81 22.01 3.26
CA ILE B 88 -11.34 21.94 1.90
C ILE B 88 -12.47 20.93 1.94
N ASP B 89 -13.68 21.39 1.70
CA ASP B 89 -14.81 20.46 1.66
C ASP B 89 -14.86 19.72 0.30
N LYS B 90 -15.77 18.75 0.18
CA LYS B 90 -15.89 17.98 -1.05
C LYS B 90 -16.06 18.87 -2.30
N ASN B 91 -16.85 19.92 -2.14
CA ASN B 91 -17.15 20.88 -3.20
C ASN B 91 -15.92 21.65 -3.66
N GLU B 92 -15.16 22.09 -2.68
CA GLU B 92 -13.92 22.82 -2.90
C GLU B 92 -12.82 21.92 -3.48
N LEU B 93 -12.85 20.65 -3.11
CA LEU B 93 -11.93 19.64 -3.68
C LEU B 93 -12.23 19.38 -5.14
N LYS B 94 -13.51 19.29 -5.50
CA LYS B 94 -13.94 19.17 -6.89
C LYS B 94 -13.42 20.34 -7.72
N GLN B 95 -13.62 21.54 -7.23
CA GLN B 95 -13.06 22.74 -7.85
C GLN B 95 -11.53 22.67 -7.99
N ALA B 96 -10.84 22.27 -6.92
CA ALA B 96 -9.39 22.26 -6.89
C ALA B 96 -8.81 21.29 -7.94
N LEU B 97 -9.30 20.05 -7.95
CA LEU B 97 -8.75 19.02 -8.81
C LEU B 97 -9.11 19.27 -10.29
N SER B 98 -10.26 19.89 -10.52
CA SER B 98 -10.66 20.30 -11.84
C SER B 98 -9.75 21.41 -12.38
N GLY B 99 -9.48 22.40 -11.52
CA GLY B 99 -8.58 23.50 -11.87
C GLY B 99 -7.18 22.97 -12.17
N PHE B 100 -6.81 21.84 -11.55
CA PHE B 100 -5.51 21.13 -11.79
C PHE B 100 -5.44 20.34 -13.10
N GLY B 101 -6.59 20.08 -13.71
CA GLY B 101 -6.64 19.25 -14.92
C GLY B 101 -7.21 17.85 -14.78
N TYR B 102 -7.70 17.47 -13.61
CA TYR B 102 -8.30 16.14 -13.48
C TYR B 102 -9.79 16.23 -13.85
N ARG B 103 -10.31 15.11 -14.36
CA ARG B 103 -11.73 15.01 -14.67
C ARG B 103 -12.19 13.76 -13.95
N LEU B 104 -12.78 13.94 -12.79
CA LEU B 104 -13.05 12.79 -11.94
C LEU B 104 -14.50 12.87 -11.55
N SER B 105 -15.14 11.72 -11.41
CA SER B 105 -16.53 11.67 -11.05
C SER B 105 -16.72 12.20 -9.62
N ASP B 106 -17.89 12.78 -9.40
CA ASP B 106 -18.30 13.16 -8.07
C ASP B 106 -18.02 12.10 -6.98
N GLN B 107 -18.36 10.83 -7.26
CA GLN B 107 -18.21 9.74 -6.29
C GLN B 107 -16.77 9.42 -5.94
N PHE B 108 -15.88 9.63 -6.89
CA PHE B 108 -14.48 9.38 -6.65
C PHE B 108 -13.92 10.38 -5.64
N HIS B 109 -14.50 11.57 -5.57
CA HIS B 109 -14.12 12.54 -4.54
C HIS B 109 -14.42 12.04 -3.12
N ASP B 110 -15.49 11.26 -2.95
CA ASP B 110 -15.80 10.61 -1.67
C ASP B 110 -14.71 9.63 -1.31
N ILE B 111 -14.30 8.81 -2.28
CA ILE B 111 -13.22 7.86 -2.13
C ILE B 111 -11.91 8.57 -1.76
N LEU B 112 -11.64 9.68 -2.43
CA LEU B 112 -10.42 10.45 -2.13
C LEU B 112 -10.40 10.97 -0.70
N ILE B 113 -11.47 11.67 -0.34
CA ILE B 113 -11.67 12.18 1.03
C ILE B 113 -11.45 11.10 2.10
N ARG B 114 -12.24 10.01 2.01
CA ARG B 114 -12.12 8.83 2.88
C ARG B 114 -10.69 8.28 2.99
N LYS B 115 -9.98 8.25 1.87
CA LYS B 115 -8.60 7.75 1.84
C LYS B 115 -7.59 8.72 2.48
N PHE B 116 -7.79 10.02 2.31
CA PHE B 116 -6.77 10.96 2.77
C PHE B 116 -7.07 11.80 4.01
N ASP B 117 -8.34 11.86 4.42
CA ASP B 117 -8.76 12.66 5.57
C ASP B 117 -8.38 11.93 6.88
N ARG B 118 -7.23 12.29 7.46
CA ARG B 118 -6.81 11.75 8.76
C ARG B 118 -7.67 12.30 9.92
N GLN B 119 -8.36 13.40 9.67
CA GLN B 119 -9.13 14.07 10.71
C GLN B 119 -10.47 13.37 10.95
N GLY B 120 -11.05 12.79 9.91
CA GLY B 120 -12.27 11.95 10.04
C GLY B 120 -13.63 12.63 9.92
N ARG B 121 -13.63 13.94 9.77
CA ARG B 121 -14.88 14.73 9.64
C ARG B 121 -15.40 14.87 8.18
N GLY B 122 -14.66 14.32 7.22
CA GLY B 122 -15.09 14.34 5.83
C GLY B 122 -14.71 15.62 5.08
N GLN B 123 -13.75 16.37 5.62
CA GLN B 123 -13.13 17.45 4.88
C GLN B 123 -11.65 17.12 4.79
N ILE B 124 -10.87 17.97 4.14
CA ILE B 124 -9.47 17.66 3.96
C ILE B 124 -8.59 18.85 4.39
N ALA B 125 -7.70 18.57 5.35
CA ALA B 125 -6.71 19.54 5.84
C ALA B 125 -5.59 19.71 4.84
N PHE B 126 -4.84 20.79 5.01
CA PHE B 126 -3.78 21.18 4.12
C PHE B 126 -2.74 20.07 3.89
N ASP B 127 -2.33 19.41 4.99
CA ASP B 127 -1.25 18.44 4.90
C ASP B 127 -1.76 17.18 4.20
N ASP B 128 -3.00 16.77 4.49
CA ASP B 128 -3.68 15.64 3.84
C ASP B 128 -3.99 15.91 2.34
N PHE B 129 -4.27 17.18 2.03
CA PHE B 129 -4.51 17.70 0.67
C PHE B 129 -3.26 17.63 -0.21
N ILE B 130 -2.13 18.08 0.30
CA ILE B 130 -0.85 17.82 -0.39
C ILE B 130 -0.59 16.33 -0.57
N GLN B 131 -0.76 15.55 0.49
CA GLN B 131 -0.61 14.11 0.36
C GLN B 131 -1.45 13.44 -0.72
N GLY B 132 -2.74 13.72 -0.74
CA GLY B 132 -3.64 13.15 -1.71
C GLY B 132 -3.19 13.46 -3.12
N CYS B 133 -2.87 14.74 -3.38
CA CYS B 133 -2.40 15.17 -4.71
C CYS B 133 -1.06 14.57 -5.14
N ILE B 134 -0.13 14.42 -4.20
CA ILE B 134 1.13 13.73 -4.47
C ILE B 134 0.86 12.29 -4.86
N VAL B 135 0.06 11.58 -4.07
CA VAL B 135 -0.24 10.18 -4.37
C VAL B 135 -0.92 10.04 -5.76
N LEU B 136 -1.96 10.83 -6.00
CA LEU B 136 -2.62 10.89 -7.31
C LEU B 136 -1.62 11.12 -8.44
N GLN B 137 -0.73 12.11 -8.25
CA GLN B 137 0.29 12.43 -9.25
C GLN B 137 1.16 11.19 -9.54
N ARG B 138 1.60 10.53 -8.48
CA ARG B 138 2.44 9.36 -8.59
C ARG B 138 1.74 8.20 -9.33
N LEU B 139 0.50 7.92 -8.95
CA LEU B 139 -0.28 6.85 -9.57
C LEU B 139 -0.61 7.17 -11.02
N THR B 140 -0.82 8.44 -11.32
CA THR B 140 -1.11 8.91 -12.64
C THR B 140 0.13 8.80 -13.53
N ASP B 141 1.30 9.05 -12.96
CA ASP B 141 2.54 8.82 -13.71
C ASP B 141 2.69 7.37 -14.18
N ILE B 142 2.26 6.41 -13.38
CA ILE B 142 2.29 5.00 -13.77
C ILE B 142 1.26 4.72 -14.91
N PHE B 143 0.04 5.23 -14.73
CA PHE B 143 -1.01 5.06 -15.70
C PHE B 143 -0.59 5.60 -17.08
N ARG B 144 -0.01 6.80 -17.10
CA ARG B 144 0.38 7.48 -18.32
C ARG B 144 1.37 6.70 -19.17
N ARG B 145 2.18 5.85 -18.55
CA ARG B 145 3.15 4.99 -19.26
C ARG B 145 2.45 3.97 -20.17
N TYR B 146 1.20 3.63 -19.83
CA TYR B 146 0.45 2.60 -20.52
C TYR B 146 -0.61 3.21 -21.41
N ASP B 147 -1.02 4.44 -21.08
CA ASP B 147 -2.05 5.19 -21.82
C ASP B 147 -1.39 5.89 -23.03
N THR B 148 -0.95 5.07 -23.98
CA THR B 148 -0.11 5.51 -25.11
C THR B 148 -0.79 6.42 -26.13
N ASP B 149 -2.12 6.49 -26.07
CA ASP B 149 -2.88 7.43 -26.89
C ASP B 149 -3.59 8.47 -25.99
N GLN B 150 -3.20 8.52 -24.71
CA GLN B 150 -3.62 9.56 -23.73
C GLN B 150 -5.11 9.92 -23.74
N ASP B 151 -5.98 8.91 -23.63
CA ASP B 151 -7.41 9.11 -23.61
C ASP B 151 -8.08 8.64 -22.31
N GLY B 152 -7.28 8.28 -21.31
CA GLY B 152 -7.82 7.85 -20.03
C GLY B 152 -8.24 6.39 -19.91
N TRP B 153 -7.74 5.57 -20.81
CA TRP B 153 -8.05 4.14 -20.88
C TRP B 153 -6.75 3.37 -21.10
N ILE B 154 -6.62 2.20 -20.48
CA ILE B 154 -5.45 1.38 -20.77
C ILE B 154 -5.96 -0.04 -20.95
N GLN B 155 -5.18 -0.84 -21.65
CA GLN B 155 -5.48 -2.25 -21.78
C GLN B 155 -4.21 -2.93 -21.36
N VAL B 156 -4.28 -3.74 -20.31
CA VAL B 156 -3.08 -4.43 -19.82
C VAL B 156 -3.31 -5.91 -19.59
N SER B 157 -2.24 -6.67 -19.68
CA SER B 157 -2.26 -8.06 -19.33
C SER B 157 -2.12 -8.22 -17.81
N TYR B 158 -2.51 -9.41 -17.35
CA TYR B 158 -2.27 -9.91 -16.00
C TYR B 158 -0.87 -9.60 -15.46
N GLU B 159 0.17 -10.05 -16.15
CA GLU B 159 1.53 -9.79 -15.67
C GLU B 159 1.97 -8.33 -15.67
N GLN B 160 1.52 -7.52 -16.64
CA GLN B 160 1.81 -6.08 -16.66
C GLN B 160 1.19 -5.49 -15.42
N TYR B 161 -0.05 -5.86 -15.16
CA TYR B 161 -0.76 -5.34 -14.02
C TYR B 161 -0.05 -5.71 -12.70
N LEU B 162 0.46 -6.93 -12.59
CA LEU B 162 1.14 -7.37 -11.37
C LEU B 162 2.42 -6.55 -11.16
N SER B 163 3.17 -6.34 -12.23
CA SER B 163 4.38 -5.52 -12.22
C SER B 163 4.08 -4.05 -11.91
N MET B 164 3.06 -3.52 -12.54
CA MET B 164 2.48 -2.23 -12.18
C MET B 164 2.28 -2.12 -10.65
N VAL B 165 1.43 -2.99 -10.09
CA VAL B 165 1.10 -2.95 -8.66
C VAL B 165 2.34 -3.05 -7.76
N PHE B 166 3.27 -3.94 -8.14
CA PHE B 166 4.51 -4.14 -7.40
C PHE B 166 5.48 -2.96 -7.47
N SER B 167 5.53 -2.26 -8.61
CA SER B 167 6.28 -1.00 -8.71
C SER B 167 5.74 0.05 -7.72
N ILE B 168 4.44 0.01 -7.45
CA ILE B 168 3.82 0.88 -6.46
C ILE B 168 4.34 0.43 -5.10
N VAL B 169 3.98 -0.79 -4.71
CA VAL B 169 4.32 -1.38 -3.41
C VAL B 169 5.76 -1.92 -3.38
N GLY C 2 -7.40 -20.92 -20.81
CA GLY C 2 -8.19 -20.02 -19.90
C GLY C 2 -7.26 -18.94 -19.37
N PRO C 3 -7.65 -18.27 -18.26
CA PRO C 3 -6.80 -17.17 -17.72
C PRO C 3 -5.41 -17.64 -17.26
N PRO C 4 -4.42 -16.72 -17.17
CA PRO C 4 -3.12 -17.12 -16.60
C PRO C 4 -3.12 -17.15 -15.05
N TYR C 5 -4.29 -17.36 -14.44
CA TYR C 5 -4.41 -17.42 -12.99
C TYR C 5 -5.48 -18.45 -12.61
N PRO C 6 -5.37 -19.06 -11.41
CA PRO C 6 -6.36 -20.05 -11.00
C PRO C 6 -7.77 -19.52 -11.10
N THR C 7 -8.68 -20.37 -11.56
CA THR C 7 -10.11 -20.05 -11.54
C THR C 7 -10.94 -21.17 -10.85
N TYR C 8 -10.35 -21.71 -9.77
CA TYR C 8 -10.76 -22.93 -9.08
C TYR C 8 -9.56 -23.34 -8.22
N PRO C 9 -9.75 -24.17 -7.17
CA PRO C 9 -9.24 -23.97 -5.83
C PRO C 9 -7.88 -24.68 -6.03
N GLY C 10 -6.89 -23.95 -6.53
CA GLY C 10 -5.58 -24.53 -6.86
C GLY C 10 -4.53 -24.39 -5.78
N TYR C 11 -4.88 -23.70 -4.69
CA TYR C 11 -4.02 -23.50 -3.52
C TYR C 11 -4.97 -23.25 -2.32
N PRO C 12 -4.49 -23.42 -1.07
CA PRO C 12 -5.28 -23.02 0.13
C PRO C 12 -5.39 -21.47 0.33
N GLY C 13 -6.50 -20.90 0.79
CA GLY C 13 -7.83 -21.37 0.66
C GLY C 13 -8.33 -20.33 -0.34
N TYR C 14 -8.24 -20.70 -1.62
CA TYR C 14 -8.79 -20.00 -2.74
C TYR C 14 -10.22 -19.46 -2.49
N SER C 15 -11.03 -20.21 -1.74
CA SER C 15 -12.39 -19.77 -1.37
C SER C 15 -12.48 -19.25 0.09
N GLN C 16 -11.66 -18.23 0.41
CA GLN C 16 -11.50 -17.71 1.78
C GLN C 16 -10.82 -16.34 1.77
N GLN D 1 -15.25 28.98 -10.45
CA GLN D 1 -14.14 29.01 -9.44
C GLN D 1 -13.17 27.85 -9.72
N GLY D 2 -11.87 27.96 -9.42
CA GLY D 2 -11.18 29.18 -8.95
C GLY D 2 -10.83 30.04 -10.16
N PRO D 3 -9.55 30.47 -10.27
CA PRO D 3 -9.19 31.42 -11.35
C PRO D 3 -9.25 30.77 -12.74
N PRO D 4 -9.34 31.60 -13.79
CA PRO D 4 -9.40 31.04 -15.15
C PRO D 4 -8.02 30.74 -15.74
N TYR D 5 -7.09 30.32 -14.90
CA TYR D 5 -5.71 30.02 -15.31
C TYR D 5 -5.07 28.95 -14.41
N PRO D 6 -3.90 28.40 -14.83
CA PRO D 6 -3.39 27.24 -14.12
C PRO D 6 -3.03 27.56 -12.67
N THR D 7 -3.25 26.60 -11.78
CA THR D 7 -2.93 26.72 -10.35
C THR D 7 -2.13 25.52 -9.78
N TYR D 8 -2.11 24.38 -10.43
CA TYR D 8 -1.38 23.25 -9.97
C TYR D 8 0.09 23.57 -9.74
N PRO D 9 0.61 23.24 -8.58
CA PRO D 9 2.02 23.41 -8.33
C PRO D 9 3.03 22.57 -9.12
N GLY D 10 2.70 21.44 -9.68
CA GLY D 10 2.40 20.25 -8.96
C GLY D 10 3.52 19.40 -8.42
N TYR D 11 4.49 19.02 -9.24
CA TYR D 11 5.38 17.91 -8.94
C TYR D 11 6.84 18.04 -9.39
N PRO D 12 7.66 18.60 -8.52
CA PRO D 12 8.87 19.36 -8.84
C PRO D 12 9.30 19.35 -10.32
#